data_1QFV
#
_entry.id   1QFV
#
_cell.length_a   77.560
_cell.length_b   74.400
_cell.length_c   77.890
_cell.angle_alpha   90.00
_cell.angle_beta   90.00
_cell.angle_gamma   90.00
#
_symmetry.space_group_name_H-M   'P 21 21 21'
#
loop_
_entity.id
_entity.type
_entity.pdbx_description
1 polymer 'PROTEIN (FEMALE-SPECIFIC HISTAMINE BINDING PROTEIN 2)'
2 non-polymer HISTAMINE
3 water water
#
_entity_poly.entity_id   1
_entity_poly.type   'polypeptide(L)'
_entity_poly.pdbx_seq_one_letter_code
;NQPDWADEAANGAHQDAWKSLKADVENVYYMVKATYKNDPVWGNDFTCVGVMANDVNEDEKSIQAEFLFMNNADTNMQFA
TEKVTAVKMYGYNRENAFRYETEDGQVFTDVIAYSDDNCDVIYVPGTDGNEEGYELWTTDYDNIPANCLNKFNEYAVGRE
TRDVFTSACLEIAAA
;
_entity_poly.pdbx_strand_id   A,B
#
loop_
_chem_comp.id
_chem_comp.type
_chem_comp.name
_chem_comp.formula
HSM non-polymer HISTAMINE 'C5 H9 N3'
#
# COMPACT_ATOMS: atom_id res chain seq x y z
N ASN A 1 -31.09 6.44 2.07
CA ASN A 1 -30.09 6.17 1.01
C ASN A 1 -28.75 6.58 1.56
N GLN A 2 -27.79 5.68 1.52
CA GLN A 2 -26.45 6.00 2.02
C GLN A 2 -25.49 4.99 1.44
N PRO A 3 -24.18 5.30 1.42
CA PRO A 3 -23.20 4.37 0.87
C PRO A 3 -23.30 3.02 1.56
N ASP A 4 -23.02 1.94 0.84
CA ASP A 4 -23.12 0.61 1.46
C ASP A 4 -22.07 0.37 2.56
N TRP A 5 -20.96 1.12 2.57
CA TRP A 5 -19.97 0.96 3.62
C TRP A 5 -20.38 1.75 4.88
N ALA A 6 -21.45 2.52 4.77
CA ALA A 6 -21.94 3.29 5.93
C ALA A 6 -22.88 2.40 6.74
N ASP A 7 -22.30 1.36 7.32
CA ASP A 7 -22.97 0.34 8.12
C ASP A 7 -22.20 0.33 9.43
N GLU A 8 -22.78 0.97 10.45
CA GLU A 8 -22.08 1.11 11.74
C GLU A 8 -21.75 -0.20 12.43
N ALA A 9 -22.71 -1.13 12.43
CA ALA A 9 -22.52 -2.44 13.05
C ALA A 9 -21.36 -3.13 12.38
N ALA A 10 -21.36 -3.13 11.05
CA ALA A 10 -20.30 -3.79 10.31
C ALA A 10 -18.94 -3.09 10.31
N ASN A 11 -18.96 -1.77 10.12
CA ASN A 11 -17.72 -1.01 9.95
C ASN A 11 -17.33 0.08 10.93
N GLY A 12 -18.20 0.37 11.89
CA GLY A 12 -17.96 1.45 12.83
C GLY A 12 -16.63 1.43 13.57
N ALA A 13 -16.12 0.23 13.85
CA ALA A 13 -14.87 0.13 14.56
C ALA A 13 -13.75 0.82 13.80
N HIS A 14 -13.90 0.96 12.48
CA HIS A 14 -12.88 1.61 11.63
C HIS A 14 -13.37 2.96 11.09
N GLN A 15 -14.33 3.58 11.78
CA GLN A 15 -14.91 4.86 11.36
C GLN A 15 -15.07 5.80 12.55
N ASP A 16 -14.03 5.84 13.39
CA ASP A 16 -14.01 6.66 14.60
C ASP A 16 -13.49 8.07 14.25
N ALA A 17 -14.40 8.99 13.94
CA ALA A 17 -14.02 10.34 13.54
C ALA A 17 -13.28 11.15 14.59
N TRP A 18 -13.74 11.10 15.83
CA TRP A 18 -13.06 11.87 16.89
C TRP A 18 -11.61 11.37 17.10
N LYS A 19 -11.42 10.06 17.11
CA LYS A 19 -10.08 9.50 17.24
C LYS A 19 -9.21 10.02 16.07
N SER A 20 -9.77 9.96 14.85
CA SER A 20 -9.03 10.43 13.67
C SER A 20 -8.68 11.93 13.73
N LEU A 21 -9.61 12.77 14.20
CA LEU A 21 -9.29 14.19 14.30
C LEU A 21 -8.18 14.44 15.29
N LYS A 22 -8.24 13.80 16.46
CA LYS A 22 -7.19 13.99 17.47
C LYS A 22 -5.82 13.51 16.96
N ALA A 23 -5.83 12.54 16.04
CA ALA A 23 -4.59 12.03 15.47
C ALA A 23 -3.88 13.16 14.70
N ASP A 24 -4.63 14.14 14.19
CA ASP A 24 -4.00 15.27 13.46
C ASP A 24 -3.15 16.14 14.38
N VAL A 25 -3.34 16.01 15.69
CA VAL A 25 -2.56 16.81 16.63
C VAL A 25 -1.12 16.30 16.73
N GLU A 26 -0.96 14.97 16.69
CA GLU A 26 0.36 14.34 16.80
C GLU A 26 1.17 14.32 15.54
N ASN A 27 0.49 14.15 14.41
CA ASN A 27 1.20 14.06 13.14
C ASN A 27 0.48 14.78 12.03
N VAL A 28 1.25 15.36 11.12
CA VAL A 28 0.67 15.99 9.96
C VAL A 28 0.04 14.85 9.09
N TYR A 29 -1.15 15.08 8.55
CA TYR A 29 -1.80 14.13 7.64
C TYR A 29 -1.81 14.76 6.27
N TYR A 30 -1.38 13.98 5.30
CA TYR A 30 -1.27 14.41 3.92
C TYR A 30 -2.36 13.76 3.08
N MET A 31 -3.07 14.53 2.25
CA MET A 31 -4.05 13.89 1.36
C MET A 31 -3.22 13.42 0.17
N VAL A 32 -2.92 12.10 0.12
CA VAL A 32 -2.08 11.57 -0.95
C VAL A 32 -2.81 11.31 -2.27
N LYS A 33 -4.11 11.02 -2.23
CA LYS A 33 -4.88 10.79 -3.45
C LYS A 33 -6.29 11.25 -3.29
N ALA A 34 -6.98 11.46 -4.41
CA ALA A 34 -8.40 11.85 -4.38
C ALA A 34 -9.00 11.42 -5.70
N THR A 35 -10.33 11.48 -5.81
CA THR A 35 -10.99 11.11 -7.05
C THR A 35 -11.60 12.34 -7.74
N TYR A 36 -11.36 13.53 -7.18
CA TYR A 36 -11.94 14.75 -7.76
C TYR A 36 -10.87 15.82 -7.90
N LYS A 37 -11.11 16.77 -8.78
CA LYS A 37 -10.09 17.78 -9.08
C LYS A 37 -10.22 19.12 -8.41
N ASN A 38 -11.44 19.49 -8.03
CA ASN A 38 -11.69 20.81 -7.47
C ASN A 38 -12.31 20.84 -6.09
N ASP A 39 -11.90 21.81 -5.29
CA ASP A 39 -12.48 22.00 -3.95
C ASP A 39 -12.79 23.51 -3.86
N PRO A 40 -13.96 23.89 -3.28
CA PRO A 40 -14.32 25.32 -3.18
C PRO A 40 -13.27 26.15 -2.43
N VAL A 41 -12.55 25.52 -1.51
CA VAL A 41 -11.53 26.23 -0.75
C VAL A 41 -10.12 25.98 -1.28
N TRP A 42 -9.77 24.72 -1.52
CA TRP A 42 -8.40 24.46 -1.97
C TRP A 42 -8.14 24.82 -3.40
N GLY A 43 -9.20 25.03 -4.19
CA GLY A 43 -9.00 25.39 -5.59
C GLY A 43 -9.09 24.26 -6.64
N ASN A 44 -8.73 24.62 -7.87
CA ASN A 44 -8.83 23.70 -9.01
C ASN A 44 -7.57 22.91 -9.24
N ASP A 45 -7.72 21.63 -9.57
CA ASP A 45 -6.60 20.72 -9.73
C ASP A 45 -5.73 20.86 -8.48
N PHE A 46 -6.37 20.94 -7.32
CA PHE A 46 -5.61 21.10 -6.09
C PHE A 46 -4.65 19.94 -5.82
N THR A 47 -3.49 20.27 -5.28
CA THR A 47 -2.51 19.26 -4.93
C THR A 47 -1.84 19.68 -3.62
N CYS A 48 -0.98 18.80 -3.12
CA CYS A 48 -0.18 19.14 -1.94
C CYS A 48 -0.97 19.57 -0.70
N VAL A 49 -2.05 18.87 -0.43
CA VAL A 49 -2.87 19.18 0.73
C VAL A 49 -2.37 18.43 1.97
N GLY A 50 -2.20 19.17 3.06
CA GLY A 50 -1.76 18.58 4.31
C GLY A 50 -2.50 19.31 5.44
N VAL A 51 -2.57 18.68 6.61
CA VAL A 51 -3.25 19.30 7.74
C VAL A 51 -2.61 18.91 9.08
N MET A 52 -2.63 19.83 10.02
CA MET A 52 -2.12 19.56 11.36
C MET A 52 -3.09 20.30 12.29
N ALA A 53 -3.27 19.77 13.50
CA ALA A 53 -4.24 20.34 14.41
C ALA A 53 -3.68 20.66 15.76
N ASN A 54 -4.49 21.40 16.51
CA ASN A 54 -4.15 21.75 17.87
C ASN A 54 -5.47 22.17 18.54
N ASP A 55 -5.37 22.46 19.83
CA ASP A 55 -6.53 22.91 20.55
C ASP A 55 -7.68 21.91 20.59
N VAL A 56 -7.36 20.69 21.01
CA VAL A 56 -8.37 19.66 21.15
C VAL A 56 -9.39 20.13 22.18
N ASN A 57 -10.67 20.04 21.85
CA ASN A 57 -11.71 20.42 22.80
C ASN A 57 -12.59 19.19 22.95
N GLU A 58 -12.39 18.44 24.03
CA GLU A 58 -13.19 17.23 24.23
C GLU A 58 -14.66 17.49 24.41
N ASP A 59 -15.02 18.60 25.04
CA ASP A 59 -16.44 18.90 25.23
C ASP A 59 -17.14 19.11 23.89
N GLU A 60 -16.41 19.66 22.92
CA GLU A 60 -17.00 19.91 21.62
C GLU A 60 -16.63 18.93 20.55
N LYS A 61 -15.66 18.05 20.85
CA LYS A 61 -15.12 17.09 19.86
C LYS A 61 -14.66 17.91 18.64
N SER A 62 -13.92 18.99 18.90
CA SER A 62 -13.42 19.86 17.84
C SER A 62 -11.92 20.16 18.01
N ILE A 63 -11.31 20.53 16.89
CA ILE A 63 -9.92 20.93 16.85
C ILE A 63 -9.82 22.15 15.94
N GLN A 64 -8.68 22.83 16.01
CA GLN A 64 -8.40 23.93 15.11
C GLN A 64 -7.41 23.28 14.14
N ALA A 65 -7.73 23.31 12.86
CA ALA A 65 -6.86 22.69 11.86
C ALA A 65 -6.17 23.70 10.96
N GLU A 66 -4.87 23.51 10.75
CA GLU A 66 -4.09 24.38 9.88
C GLU A 66 -3.73 23.58 8.65
N PHE A 67 -4.19 24.06 7.50
CA PHE A 67 -3.99 23.40 6.22
C PHE A 67 -2.97 24.08 5.33
N LEU A 68 -2.36 23.29 4.47
CA LEU A 68 -1.43 23.80 3.46
C LEU A 68 -1.92 23.13 2.19
N PHE A 69 -1.78 23.81 1.05
CA PHE A 69 -2.27 23.26 -0.21
C PHE A 69 -1.82 24.11 -1.39
N MET A 70 -2.03 23.56 -2.58
CA MET A 70 -1.70 24.24 -3.81
C MET A 70 -2.78 24.02 -4.82
N ASN A 71 -2.89 24.93 -5.79
CA ASN A 71 -3.88 24.73 -6.84
C ASN A 71 -3.29 25.33 -8.13
N ASN A 72 -4.00 25.19 -9.23
CA ASN A 72 -3.46 25.64 -10.51
C ASN A 72 -3.46 27.13 -10.76
N ALA A 73 -3.95 27.89 -9.79
CA ALA A 73 -4.06 29.35 -9.90
C ALA A 73 -2.95 30.15 -9.22
N ASP A 74 -2.11 29.51 -8.41
CA ASP A 74 -1.01 30.19 -7.74
C ASP A 74 0.16 29.22 -7.69
N THR A 75 1.39 29.68 -7.94
CA THR A 75 2.55 28.78 -7.90
C THR A 75 3.09 28.55 -6.48
N ASN A 76 2.60 29.33 -5.51
CA ASN A 76 3.08 29.19 -4.14
C ASN A 76 2.14 28.36 -3.28
N MET A 77 2.71 27.73 -2.26
CA MET A 77 1.94 26.95 -1.29
C MET A 77 0.98 27.95 -0.58
N GLN A 78 -0.26 27.51 -0.36
CA GLN A 78 -1.31 28.30 0.28
C GLN A 78 -1.64 27.68 1.64
N PHE A 79 -2.21 28.49 2.55
CA PHE A 79 -2.51 28.04 3.93
C PHE A 79 -3.85 28.55 4.39
N ALA A 80 -4.49 27.80 5.27
CA ALA A 80 -5.80 28.22 5.78
C ALA A 80 -6.05 27.52 7.11
N THR A 81 -6.84 28.17 7.97
CA THR A 81 -7.18 27.58 9.24
C THR A 81 -8.70 27.41 9.27
N GLU A 82 -9.15 26.24 9.71
CA GLU A 82 -10.56 25.92 9.80
C GLU A 82 -10.80 25.14 11.08
N LYS A 83 -12.02 25.23 11.60
CA LYS A 83 -12.38 24.44 12.77
C LYS A 83 -12.93 23.12 12.23
N VAL A 84 -12.63 22.00 12.89
CA VAL A 84 -13.21 20.75 12.45
C VAL A 84 -13.78 20.06 13.67
N THR A 85 -15.02 19.60 13.52
CA THR A 85 -15.74 18.95 14.61
C THR A 85 -16.18 17.54 14.22
N ALA A 86 -15.97 16.55 15.08
CA ALA A 86 -16.46 15.19 14.80
C ALA A 86 -18.00 15.19 14.99
N VAL A 87 -18.74 14.78 13.97
CA VAL A 87 -20.19 14.77 14.02
C VAL A 87 -20.71 13.43 13.51
N LYS A 88 -22.03 13.23 13.65
CA LYS A 88 -22.66 12.00 13.20
C LYS A 88 -23.32 12.17 11.83
N MET A 89 -23.18 11.16 10.97
CA MET A 89 -23.81 11.17 9.65
C MET A 89 -24.37 9.76 9.40
N TYR A 90 -25.38 9.68 8.53
CA TYR A 90 -25.98 8.40 8.15
C TYR A 90 -26.57 7.59 9.30
N GLY A 91 -27.06 8.28 10.33
CA GLY A 91 -27.69 7.60 11.46
C GLY A 91 -26.76 6.96 12.45
N TYR A 92 -25.47 7.25 12.37
CA TYR A 92 -24.51 6.67 13.30
C TYR A 92 -24.70 7.14 14.75
N ASN A 93 -24.37 6.27 15.70
CA ASN A 93 -24.45 6.61 17.11
C ASN A 93 -23.14 7.22 17.60
N ARG A 94 -22.01 6.76 17.04
CA ARG A 94 -20.70 7.31 17.38
C ARG A 94 -20.21 8.14 16.16
N GLU A 95 -19.78 9.36 16.41
CA GLU A 95 -19.29 10.25 15.35
C GLU A 95 -18.42 9.59 14.30
N ASN A 96 -18.84 9.74 13.04
CA ASN A 96 -18.16 9.13 11.90
C ASN A 96 -17.91 10.15 10.76
N ALA A 97 -18.04 11.44 11.04
CA ALA A 97 -17.87 12.47 10.03
C ALA A 97 -17.09 13.70 10.54
N PHE A 98 -16.62 14.51 9.60
CA PHE A 98 -15.86 15.71 9.89
C PHE A 98 -16.67 16.90 9.43
N ARG A 99 -16.99 17.82 10.33
CA ARG A 99 -17.68 19.07 9.98
C ARG A 99 -16.62 20.20 10.03
N TYR A 100 -16.21 20.67 8.85
CA TYR A 100 -15.22 21.73 8.72
C TYR A 100 -15.97 23.05 8.68
N GLU A 101 -15.43 24.07 9.33
CA GLU A 101 -16.05 25.39 9.27
C GLU A 101 -14.94 26.39 8.98
N THR A 102 -15.03 27.09 7.84
CA THR A 102 -13.99 28.06 7.48
C THR A 102 -14.16 29.35 8.27
N GLU A 103 -13.18 30.23 8.17
CA GLU A 103 -13.27 31.53 8.87
C GLU A 103 -14.47 32.37 8.42
N ASP A 104 -14.89 32.19 7.17
CA ASP A 104 -16.05 32.90 6.61
C ASP A 104 -17.37 32.21 6.92
N GLY A 105 -17.30 31.14 7.71
CA GLY A 105 -18.52 30.44 8.08
C GLY A 105 -19.00 29.38 7.11
N GLN A 106 -18.21 29.04 6.09
CA GLN A 106 -18.63 28.01 5.15
C GLN A 106 -18.46 26.63 5.83
N VAL A 107 -19.42 25.74 5.62
CA VAL A 107 -19.37 24.41 6.25
C VAL A 107 -19.29 23.26 5.25
N PHE A 108 -18.43 22.28 5.54
CA PHE A 108 -18.30 21.07 4.70
C PHE A 108 -18.41 19.87 5.65
N THR A 109 -19.27 18.90 5.31
CA THR A 109 -19.38 17.70 6.13
C THR A 109 -18.98 16.47 5.32
N ASP A 110 -17.82 15.91 5.63
CA ASP A 110 -17.30 14.72 4.95
C ASP A 110 -17.38 13.51 5.91
N VAL A 111 -17.39 12.31 5.34
CA VAL A 111 -17.58 11.11 6.15
C VAL A 111 -16.41 10.14 6.14
N ILE A 112 -16.06 9.59 7.31
CA ILE A 112 -14.94 8.65 7.38
C ILE A 112 -15.48 7.31 6.89
N ALA A 113 -15.00 6.85 5.74
CA ALA A 113 -15.44 5.55 5.20
C ALA A 113 -14.61 4.45 5.86
N TYR A 114 -13.34 4.74 6.16
CA TYR A 114 -12.45 3.77 6.79
C TYR A 114 -11.29 4.53 7.33
N SER A 115 -10.85 4.16 8.53
CA SER A 115 -9.73 4.84 9.14
C SER A 115 -8.94 3.88 10.03
N ASP A 116 -7.63 3.98 9.92
CA ASP A 116 -6.75 3.17 10.73
C ASP A 116 -5.84 4.15 11.46
N ASP A 117 -4.91 3.66 12.25
CA ASP A 117 -4.06 4.56 13.03
C ASP A 117 -3.33 5.69 12.34
N ASN A 118 -2.85 5.46 11.12
CA ASN A 118 -2.09 6.48 10.40
C ASN A 118 -2.71 6.81 9.03
N CYS A 119 -3.97 6.49 8.82
CA CYS A 119 -4.59 6.80 7.53
C CYS A 119 -6.10 6.85 7.57
N ASP A 120 -6.64 7.64 6.67
CA ASP A 120 -8.08 7.81 6.58
C ASP A 120 -8.53 7.76 5.11
N VAL A 121 -9.68 7.15 4.91
CA VAL A 121 -10.34 7.12 3.62
C VAL A 121 -11.61 7.94 3.88
N ILE A 122 -11.69 9.11 3.24
CA ILE A 122 -12.79 10.04 3.46
C ILE A 122 -13.69 10.20 2.25
N TYR A 123 -15.00 10.20 2.51
CA TYR A 123 -16.00 10.36 1.48
C TYR A 123 -16.56 11.80 1.50
N VAL A 124 -16.62 12.39 0.32
CA VAL A 124 -17.20 13.74 0.13
C VAL A 124 -18.56 13.51 -0.53
N PRO A 125 -19.65 13.69 0.24
CA PRO A 125 -21.00 13.47 -0.35
C PRO A 125 -21.38 14.30 -1.59
N GLY A 126 -20.75 15.46 -1.79
CA GLY A 126 -21.09 16.28 -2.95
C GLY A 126 -22.35 17.14 -2.75
N THR A 127 -22.66 17.49 -1.50
CA THR A 127 -23.85 18.29 -1.18
C THR A 127 -23.50 19.64 -0.57
N ASP A 128 -22.21 19.98 -0.56
CA ASP A 128 -21.76 21.27 -0.03
C ASP A 128 -21.23 22.17 -1.16
N GLY A 129 -21.93 22.17 -2.31
CA GLY A 129 -21.52 22.96 -3.48
C GLY A 129 -20.22 22.39 -4.04
N ASN A 130 -20.02 21.09 -3.89
CA ASN A 130 -18.77 20.48 -4.31
C ASN A 130 -18.95 19.14 -4.99
N GLU A 131 -17.83 18.61 -5.50
CA GLU A 131 -17.88 17.35 -6.19
C GLU A 131 -17.85 16.13 -5.24
N GLU A 132 -18.72 15.17 -5.54
CA GLU A 132 -18.80 13.93 -4.75
C GLU A 132 -17.56 13.06 -5.07
N GLY A 133 -16.97 12.45 -4.05
CA GLY A 133 -15.77 11.65 -4.33
C GLY A 133 -15.10 11.17 -3.06
N TYR A 134 -13.87 10.69 -3.20
CA TYR A 134 -13.10 10.16 -2.06
C TYR A 134 -11.72 10.76 -1.97
N GLU A 135 -11.17 10.71 -0.75
CA GLU A 135 -9.83 11.19 -0.44
C GLU A 135 -9.09 10.11 0.37
N LEU A 136 -7.77 10.03 0.20
CA LEU A 136 -6.96 9.12 0.97
C LEU A 136 -5.93 10.01 1.68
N TRP A 137 -5.87 9.95 3.02
CA TRP A 137 -4.93 10.75 3.82
C TRP A 137 -4.05 9.81 4.64
N THR A 138 -2.79 10.16 4.78
CA THR A 138 -1.90 9.32 5.56
C THR A 138 -0.80 10.20 6.19
N THR A 139 -0.10 9.68 7.18
CA THR A 139 0.93 10.47 7.84
C THR A 139 2.26 10.51 7.11
N ASP A 140 2.46 9.59 6.16
CA ASP A 140 3.72 9.57 5.42
C ASP A 140 3.37 9.55 3.94
N TYR A 141 3.61 10.66 3.25
CA TYR A 141 3.24 10.72 1.84
C TYR A 141 4.05 9.80 0.91
N ASP A 142 5.16 9.26 1.40
CA ASP A 142 5.98 8.35 0.59
C ASP A 142 5.69 6.88 0.84
N ASN A 143 5.16 6.55 2.02
CA ASN A 143 4.86 5.14 2.38
C ASN A 143 3.40 5.05 2.73
N ILE A 144 2.59 4.62 1.77
CA ILE A 144 1.16 4.55 1.96
C ILE A 144 0.72 3.18 2.50
N PRO A 145 -0.02 3.15 3.63
CA PRO A 145 -0.46 1.85 4.20
C PRO A 145 -1.35 1.11 3.21
N ALA A 146 -1.08 -0.19 3.03
CA ALA A 146 -1.86 -1.03 2.12
C ALA A 146 -3.32 -1.18 2.54
N ASN A 147 -3.61 -1.28 3.83
CA ASN A 147 -5.00 -1.43 4.25
C ASN A 147 -5.88 -0.24 3.81
N CYS A 148 -5.43 0.98 4.05
CA CYS A 148 -6.18 2.16 3.64
C CYS A 148 -6.19 2.28 2.13
N LEU A 149 -5.05 2.04 1.48
CA LEU A 149 -5.01 2.13 0.02
C LEU A 149 -6.01 1.15 -0.62
N ASN A 150 -6.08 -0.07 -0.09
CA ASN A 150 -7.02 -1.05 -0.63
C ASN A 150 -8.46 -0.62 -0.40
N LYS A 151 -8.75 -0.10 0.79
CA LYS A 151 -10.10 0.38 1.08
C LYS A 151 -10.44 1.56 0.17
N PHE A 152 -9.49 2.48 -0.03
CA PHE A 152 -9.74 3.63 -0.91
C PHE A 152 -10.04 3.13 -2.35
N ASN A 153 -9.21 2.24 -2.86
CA ASN A 153 -9.42 1.70 -4.21
C ASN A 153 -10.72 0.93 -4.31
N GLU A 154 -11.07 0.23 -3.23
CA GLU A 154 -12.32 -0.52 -3.20
C GLU A 154 -13.53 0.40 -3.29
N TYR A 155 -13.58 1.42 -2.44
CA TYR A 155 -14.74 2.31 -2.42
C TYR A 155 -14.84 3.31 -3.55
N ALA A 156 -13.67 3.68 -4.07
CA ALA A 156 -13.53 4.65 -5.16
C ALA A 156 -13.59 4.02 -6.56
N VAL A 157 -13.88 2.72 -6.64
CA VAL A 157 -13.96 2.06 -7.95
C VAL A 157 -14.87 2.81 -8.93
N GLY A 158 -14.50 2.80 -10.21
CA GLY A 158 -15.28 3.44 -11.24
C GLY A 158 -15.03 4.92 -11.48
N ARG A 159 -14.06 5.48 -10.76
CA ARG A 159 -13.76 6.90 -10.89
C ARG A 159 -12.32 7.05 -11.39
N GLU A 160 -11.86 8.29 -11.50
CA GLU A 160 -10.48 8.54 -11.90
C GLU A 160 -9.72 8.99 -10.64
N THR A 161 -8.79 8.17 -10.19
CA THR A 161 -7.99 8.51 -9.03
C THR A 161 -6.78 9.33 -9.46
N ARG A 162 -6.35 10.28 -8.63
CA ARG A 162 -5.16 11.08 -8.96
C ARG A 162 -4.36 11.34 -7.69
N ASP A 163 -3.09 11.68 -7.87
CA ASP A 163 -2.20 12.00 -6.75
C ASP A 163 -2.45 13.45 -6.34
N VAL A 164 -2.33 13.72 -5.04
CA VAL A 164 -2.57 15.07 -4.53
C VAL A 164 -1.28 15.50 -3.84
N PHE A 165 -1.02 15.01 -2.64
CA PHE A 165 0.24 15.34 -2.01
C PHE A 165 1.28 14.24 -2.33
N THR A 166 2.36 14.62 -3.03
CA THR A 166 3.45 13.67 -3.31
C THR A 166 4.74 14.42 -3.05
N SER A 167 5.87 13.71 -3.09
CA SER A 167 7.18 14.33 -2.87
C SER A 167 7.40 15.48 -3.86
N ALA A 168 6.74 15.48 -5.00
CA ALA A 168 6.89 16.54 -6.00
C ALA A 168 6.44 17.88 -5.44
N CYS A 169 5.71 17.84 -4.33
CA CYS A 169 5.22 19.06 -3.70
C CYS A 169 6.32 19.84 -2.99
N LEU A 170 7.41 19.15 -2.69
CA LEU A 170 8.51 19.76 -1.97
C LEU A 170 9.82 19.62 -2.73
N GLU A 171 10.75 20.54 -2.48
CA GLU A 171 12.08 20.43 -3.09
C GLU A 171 12.92 20.08 -1.86
N ILE A 172 13.14 18.78 -1.62
CA ILE A 172 13.88 18.36 -0.44
C ILE A 172 15.42 18.29 -0.59
N ALA A 173 16.12 18.51 0.54
CA ALA A 173 17.60 18.49 0.73
C ALA A 173 18.30 19.87 0.56
N ALA A 174 19.56 19.89 0.09
CA ALA A 174 20.29 21.17 -0.04
C ALA A 174 21.52 21.24 -0.95
N ALA A 175 21.65 22.34 -1.68
CA ALA A 175 22.76 22.49 -2.58
C ALA A 175 22.49 21.61 -3.83
N GLN B 2 25.60 -15.31 -16.97
CA GLN B 2 24.18 -15.00 -16.56
C GLN B 2 23.20 -16.02 -17.11
N PRO B 3 22.01 -16.13 -16.48
CA PRO B 3 20.99 -17.08 -16.93
C PRO B 3 20.53 -16.80 -18.38
N ASP B 4 20.18 -17.84 -19.12
CA ASP B 4 19.74 -17.67 -20.51
C ASP B 4 18.57 -16.71 -20.64
N TRP B 5 17.65 -16.74 -19.68
CA TRP B 5 16.47 -15.89 -19.72
C TRP B 5 16.70 -14.41 -19.37
N ALA B 6 17.95 -14.08 -19.01
CA ALA B 6 18.31 -12.70 -18.66
C ALA B 6 18.61 -11.98 -19.97
N ASP B 7 17.55 -11.75 -20.73
CA ASP B 7 17.60 -11.07 -22.04
C ASP B 7 16.40 -10.12 -21.99
N GLU B 8 16.66 -8.86 -21.64
CA GLU B 8 15.59 -7.89 -21.48
C GLU B 8 14.77 -7.64 -22.73
N ALA B 9 15.45 -7.49 -23.86
CA ALA B 9 14.74 -7.23 -25.10
C ALA B 9 13.75 -8.34 -25.42
N ALA B 10 14.13 -9.58 -25.10
CA ALA B 10 13.26 -10.71 -25.38
C ALA B 10 12.24 -11.02 -24.30
N ASN B 11 12.66 -10.93 -23.06
CA ASN B 11 11.80 -11.37 -21.95
C ASN B 11 11.34 -10.33 -20.94
N GLY B 12 11.81 -9.09 -21.07
CA GLY B 12 11.49 -8.01 -20.14
C GLY B 12 10.02 -7.79 -19.81
N ALA B 13 9.11 -7.99 -20.76
CA ALA B 13 7.69 -7.78 -20.46
C ALA B 13 7.24 -8.72 -19.33
N HIS B 14 7.93 -9.85 -19.20
CA HIS B 14 7.62 -10.82 -18.15
C HIS B 14 8.56 -10.67 -16.96
N GLN B 15 9.31 -9.57 -16.88
CA GLN B 15 10.29 -9.40 -15.79
C GLN B 15 10.23 -8.01 -15.17
N ASP B 16 9.01 -7.48 -15.09
CA ASP B 16 8.77 -6.15 -14.51
C ASP B 16 8.68 -6.33 -12.98
N ALA B 17 9.80 -6.13 -12.27
CA ALA B 17 9.80 -6.36 -10.82
C ALA B 17 8.91 -5.41 -10.05
N TRP B 18 8.89 -4.13 -10.43
CA TRP B 18 8.04 -3.21 -9.69
C TRP B 18 6.55 -3.58 -9.86
N LYS B 19 6.13 -3.92 -11.07
CA LYS B 19 4.76 -4.32 -11.29
C LYS B 19 4.45 -5.54 -10.40
N SER B 20 5.36 -6.51 -10.39
CA SER B 20 5.14 -7.70 -9.58
C SER B 20 5.09 -7.41 -8.08
N LEU B 21 6.00 -6.58 -7.60
CA LEU B 21 6.06 -6.26 -6.19
C LEU B 21 4.82 -5.48 -5.75
N LYS B 22 4.39 -4.53 -6.57
CA LYS B 22 3.20 -3.72 -6.26
C LYS B 22 1.95 -4.58 -6.18
N ALA B 23 1.95 -5.74 -6.85
CA ALA B 23 0.81 -6.65 -6.84
C ALA B 23 0.61 -7.26 -5.44
N ASP B 24 1.64 -7.18 -4.58
CA ASP B 24 1.52 -7.73 -3.20
C ASP B 24 0.63 -6.83 -2.32
N VAL B 25 0.28 -5.65 -2.80
CA VAL B 25 -0.59 -4.75 -2.03
C VAL B 25 -2.03 -5.29 -1.98
N GLU B 26 -2.57 -5.61 -3.16
CA GLU B 26 -3.93 -6.10 -3.25
C GLU B 26 -4.13 -7.56 -2.97
N ASN B 27 -3.12 -8.37 -3.24
CA ASN B 27 -3.27 -9.82 -3.00
C ASN B 27 -2.08 -10.50 -2.35
N VAL B 28 -2.38 -11.54 -1.58
CA VAL B 28 -1.33 -12.33 -0.97
C VAL B 28 -0.77 -13.26 -2.06
N TYR B 29 0.57 -13.32 -2.13
CA TYR B 29 1.23 -14.26 -3.03
C TYR B 29 1.79 -15.42 -2.17
N TYR B 30 1.58 -16.65 -2.63
CA TYR B 30 2.06 -17.84 -1.93
C TYR B 30 3.18 -18.48 -2.71
N MET B 31 4.21 -18.94 -2.03
CA MET B 31 5.29 -19.64 -2.72
C MET B 31 4.83 -21.10 -2.76
N VAL B 32 4.27 -21.50 -3.88
CA VAL B 32 3.77 -22.88 -4.01
C VAL B 32 4.84 -23.96 -4.25
N LYS B 33 5.93 -23.62 -4.93
CA LYS B 33 6.99 -24.58 -5.18
C LYS B 33 8.33 -23.89 -5.12
N ALA B 34 9.39 -24.68 -4.93
CA ALA B 34 10.76 -24.18 -4.92
C ALA B 34 11.67 -25.35 -5.23
N THR B 35 12.93 -25.06 -5.53
CA THR B 35 13.88 -26.12 -5.84
C THR B 35 14.95 -26.24 -4.76
N TYR B 36 14.72 -25.62 -3.60
CA TYR B 36 15.68 -25.70 -2.51
C TYR B 36 14.87 -25.81 -1.20
N LYS B 37 15.50 -26.35 -0.16
CA LYS B 37 14.80 -26.61 1.09
C LYS B 37 15.02 -25.63 2.23
N ASN B 38 16.10 -24.87 2.16
CA ASN B 38 16.46 -23.99 3.26
C ASN B 38 16.63 -22.52 2.93
N ASP B 39 16.28 -21.65 3.87
CA ASP B 39 16.43 -20.21 3.71
C ASP B 39 16.98 -19.69 5.02
N PRO B 40 17.91 -18.71 5.00
CA PRO B 40 18.46 -18.20 6.27
C PRO B 40 17.40 -17.70 7.23
N VAL B 41 16.36 -17.04 6.68
CA VAL B 41 15.28 -16.48 7.47
C VAL B 41 14.17 -17.47 7.80
N TRP B 42 13.68 -18.20 6.80
CA TRP B 42 12.58 -19.13 7.01
C TRP B 42 13.01 -20.45 7.65
N GLY B 43 14.31 -20.72 7.62
CA GLY B 43 14.86 -21.94 8.22
C GLY B 43 14.92 -23.13 7.27
N ASN B 44 15.24 -24.31 7.82
CA ASN B 44 15.37 -25.55 7.02
C ASN B 44 14.04 -26.22 6.76
N ASP B 45 13.86 -26.76 5.56
CA ASP B 45 12.61 -27.42 5.24
C ASP B 45 11.40 -26.50 5.44
N PHE B 46 11.54 -25.23 5.02
CA PHE B 46 10.44 -24.31 5.23
C PHE B 46 9.25 -24.64 4.32
N THR B 47 8.06 -24.29 4.80
CA THR B 47 6.84 -24.53 4.03
C THR B 47 5.88 -23.37 4.31
N CYS B 48 4.80 -23.34 3.53
CA CYS B 48 3.73 -22.37 3.73
C CYS B 48 4.16 -20.91 3.68
N VAL B 49 5.05 -20.57 2.75
CA VAL B 49 5.50 -19.19 2.67
C VAL B 49 4.49 -18.34 1.88
N GLY B 50 4.15 -17.18 2.42
CA GLY B 50 3.24 -16.25 1.76
C GLY B 50 3.73 -14.83 2.03
N VAL B 51 3.35 -13.87 1.19
CA VAL B 51 3.78 -12.50 1.41
C VAL B 51 2.65 -11.52 1.09
N MET B 52 2.60 -10.43 1.84
CA MET B 52 1.62 -9.39 1.57
C MET B 52 2.27 -8.05 1.92
N ALA B 53 1.98 -6.99 1.19
CA ALA B 53 2.61 -5.71 1.50
C ALA B 53 1.86 -5.04 2.66
N ASN B 54 2.62 -4.42 3.58
CA ASN B 54 2.04 -3.65 4.69
C ASN B 54 1.85 -2.20 4.20
N ASP B 55 2.83 -1.71 3.45
CA ASP B 55 2.75 -0.38 2.86
C ASP B 55 3.52 -0.34 1.57
N VAL B 56 3.35 0.74 0.80
CA VAL B 56 4.00 0.86 -0.51
C VAL B 56 4.58 2.27 -0.73
N ASN B 57 5.78 2.31 -1.32
CA ASN B 57 6.50 3.55 -1.59
C ASN B 57 6.77 3.62 -3.09
N GLU B 58 5.88 4.29 -3.80
CA GLU B 58 5.99 4.41 -5.25
C GLU B 58 7.30 4.99 -5.73
N ASP B 59 7.74 6.09 -5.12
CA ASP B 59 9.00 6.70 -5.56
C ASP B 59 10.22 5.80 -5.42
N GLU B 60 10.27 5.01 -4.34
CA GLU B 60 11.41 4.13 -4.12
C GLU B 60 11.21 2.78 -4.77
N LYS B 61 10.01 2.53 -5.30
CA LYS B 61 9.67 1.24 -5.88
C LYS B 61 9.94 0.17 -4.81
N SER B 62 9.43 0.42 -3.60
CA SER B 62 9.62 -0.54 -2.51
C SER B 62 8.33 -0.73 -1.71
N ILE B 63 8.30 -1.78 -0.91
CA ILE B 63 7.19 -2.04 -0.02
C ILE B 63 7.76 -2.58 1.27
N GLN B 64 7.00 -2.46 2.36
CA GLN B 64 7.37 -3.09 3.62
C GLN B 64 6.45 -4.31 3.52
N ALA B 65 7.03 -5.51 3.53
CA ALA B 65 6.26 -6.73 3.38
C ALA B 65 6.26 -7.59 4.63
N GLU B 66 5.14 -8.29 4.81
CA GLU B 66 5.00 -9.24 5.90
C GLU B 66 5.01 -10.63 5.23
N PHE B 67 5.89 -11.49 5.71
CA PHE B 67 5.99 -12.87 5.23
C PHE B 67 5.54 -13.81 6.32
N LEU B 68 4.74 -14.80 5.95
CA LEU B 68 4.29 -15.85 6.88
C LEU B 68 5.04 -17.11 6.40
N PHE B 69 5.44 -17.96 7.34
CA PHE B 69 6.16 -19.18 6.95
C PHE B 69 6.10 -20.17 8.11
N MET B 70 6.50 -21.39 7.82
CA MET B 70 6.57 -22.46 8.81
C MET B 70 7.85 -23.25 8.65
N ASN B 71 8.31 -23.81 9.75
CA ASN B 71 9.46 -24.69 9.73
C ASN B 71 9.24 -25.59 10.94
N ASN B 72 10.20 -26.48 11.21
CA ASN B 72 10.03 -27.44 12.29
C ASN B 72 10.12 -26.94 13.73
N ALA B 73 10.44 -25.67 13.94
CA ALA B 73 10.52 -25.14 15.31
C ALA B 73 9.15 -25.04 15.99
N ASP B 74 8.07 -25.08 15.20
CA ASP B 74 6.75 -24.94 15.82
C ASP B 74 5.68 -25.32 14.83
N THR B 75 4.52 -25.71 15.34
CA THR B 75 3.40 -26.09 14.48
C THR B 75 2.55 -24.90 14.07
N ASN B 76 2.84 -23.71 14.62
CA ASN B 76 2.13 -22.49 14.30
C ASN B 76 2.88 -21.67 13.22
N MET B 77 2.14 -20.81 12.54
CA MET B 77 2.74 -19.94 11.52
C MET B 77 3.65 -18.92 12.18
N GLN B 78 4.78 -18.63 11.55
CA GLN B 78 5.70 -17.61 12.06
C GLN B 78 5.64 -16.49 11.03
N PHE B 79 6.22 -15.34 11.34
CA PHE B 79 6.16 -14.27 10.37
C PHE B 79 7.41 -13.43 10.46
N ALA B 80 7.71 -12.71 9.38
CA ALA B 80 8.88 -11.82 9.35
C ALA B 80 8.46 -10.57 8.57
N THR B 81 9.04 -9.42 8.91
CA THR B 81 8.76 -8.17 8.22
C THR B 81 10.06 -7.73 7.56
N GLU B 82 10.01 -7.45 6.25
CA GLU B 82 11.22 -7.05 5.55
C GLU B 82 10.87 -5.99 4.52
N LYS B 83 11.85 -5.17 4.17
CA LYS B 83 11.61 -4.20 3.13
C LYS B 83 11.99 -4.93 1.83
N VAL B 84 11.24 -4.70 0.77
CA VAL B 84 11.57 -5.27 -0.54
C VAL B 84 11.59 -4.11 -1.56
N THR B 85 12.67 -3.99 -2.30
CA THR B 85 12.78 -2.91 -3.26
C THR B 85 13.05 -3.48 -4.66
N ALA B 86 12.37 -2.94 -5.68
CA ALA B 86 12.61 -3.40 -7.03
C ALA B 86 13.95 -2.76 -7.48
N VAL B 87 14.90 -3.59 -7.93
CA VAL B 87 16.22 -3.13 -8.35
C VAL B 87 16.63 -3.77 -9.68
N LYS B 88 17.73 -3.31 -10.26
CA LYS B 88 18.19 -3.83 -11.55
C LYS B 88 19.29 -4.87 -11.39
N MET B 89 19.22 -5.94 -12.17
CA MET B 89 20.26 -6.96 -12.15
C MET B 89 20.57 -7.30 -13.59
N TYR B 90 21.76 -7.85 -13.82
CA TYR B 90 22.16 -8.28 -15.16
C TYR B 90 22.13 -7.19 -16.22
N GLY B 91 22.41 -5.96 -15.80
CA GLY B 91 22.45 -4.85 -16.74
C GLY B 91 21.13 -4.39 -17.30
N TYR B 92 20.01 -4.81 -16.72
CA TYR B 92 18.70 -4.40 -17.22
C TYR B 92 18.45 -2.89 -17.14
N ASN B 93 17.64 -2.42 -18.09
CA ASN B 93 17.24 -1.02 -18.17
C ASN B 93 16.10 -0.77 -17.17
N ARG B 94 15.21 -1.75 -17.01
CA ARG B 94 14.04 -1.65 -16.12
C ARG B 94 14.17 -2.70 -15.02
N GLU B 95 13.90 -2.29 -13.78
CA GLU B 95 14.01 -3.17 -12.60
C GLU B 95 13.42 -4.55 -12.83
N ASN B 96 14.24 -5.57 -12.61
CA ASN B 96 13.84 -6.98 -12.83
C ASN B 96 14.16 -7.87 -11.62
N ALA B 97 14.55 -7.25 -10.50
CA ALA B 97 14.96 -8.00 -9.32
C ALA B 97 14.35 -7.44 -8.03
N PHE B 98 14.36 -8.26 -6.99
CA PHE B 98 13.84 -7.90 -5.66
C PHE B 98 15.00 -7.86 -4.68
N ARG B 99 15.20 -6.73 -4.00
CA ARG B 99 16.24 -6.64 -2.98
C ARG B 99 15.49 -6.64 -1.65
N TYR B 100 15.65 -7.72 -0.90
CA TYR B 100 15.02 -7.87 0.40
C TYR B 100 16.00 -7.41 1.46
N GLU B 101 15.51 -6.69 2.45
CA GLU B 101 16.38 -6.24 3.51
C GLU B 101 15.69 -6.53 4.85
N THR B 102 16.30 -7.37 5.68
CA THR B 102 15.70 -7.75 6.97
C THR B 102 15.93 -6.65 8.01
N GLU B 103 15.19 -6.74 9.11
CA GLU B 103 15.33 -5.73 10.17
C GLU B 103 16.71 -5.78 10.80
N ASP B 104 17.34 -6.96 10.81
CA ASP B 104 18.67 -7.09 11.37
C ASP B 104 19.81 -6.85 10.36
N GLY B 105 19.48 -6.27 9.22
CA GLY B 105 20.50 -5.94 8.25
C GLY B 105 20.91 -6.88 7.14
N GLN B 106 20.29 -8.06 7.07
CA GLN B 106 20.64 -9.00 6.01
C GLN B 106 19.99 -8.58 4.69
N VAL B 107 20.70 -8.82 3.58
CA VAL B 107 20.20 -8.46 2.26
C VAL B 107 20.18 -9.68 1.33
N PHE B 108 19.09 -9.83 0.58
CA PHE B 108 18.98 -10.92 -0.40
C PHE B 108 18.47 -10.31 -1.70
N THR B 109 19.13 -10.56 -2.82
CA THR B 109 18.66 -10.04 -4.09
C THR B 109 18.33 -11.20 -5.02
N ASP B 110 17.03 -11.37 -5.30
CA ASP B 110 16.54 -12.43 -6.18
C ASP B 110 16.07 -11.79 -7.48
N VAL B 111 15.96 -12.58 -8.53
CA VAL B 111 15.64 -12.00 -9.83
C VAL B 111 14.41 -12.58 -10.46
N ILE B 112 13.58 -11.75 -11.10
CA ILE B 112 12.37 -12.28 -11.74
C ILE B 112 12.79 -12.95 -13.05
N ALA B 113 12.57 -14.25 -13.15
CA ALA B 113 12.89 -14.96 -14.37
C ALA B 113 11.69 -14.88 -15.33
N TYR B 114 10.50 -15.06 -14.77
CA TYR B 114 9.27 -14.98 -15.56
C TYR B 114 8.11 -14.68 -14.66
N SER B 115 7.32 -13.69 -15.03
CA SER B 115 6.19 -13.28 -14.22
C SER B 115 5.00 -12.89 -15.12
N ASP B 116 3.81 -13.25 -14.64
CA ASP B 116 2.53 -12.92 -15.28
C ASP B 116 1.76 -12.15 -14.22
N ASP B 117 0.54 -11.71 -14.54
CA ASP B 117 -0.25 -10.90 -13.60
C ASP B 117 -0.46 -11.48 -12.21
N ASN B 118 -0.56 -12.82 -12.12
CA ASN B 118 -0.85 -13.47 -10.85
C ASN B 118 0.19 -14.53 -10.42
N CYS B 119 1.38 -14.48 -11.00
CA CYS B 119 2.38 -15.46 -10.60
C CYS B 119 3.79 -15.01 -10.99
N ASP B 120 4.77 -15.45 -10.22
CA ASP B 120 6.15 -15.09 -10.46
C ASP B 120 7.02 -16.32 -10.37
N VAL B 121 8.00 -16.39 -11.28
CA VAL B 121 9.00 -17.45 -11.25
C VAL B 121 10.25 -16.62 -10.93
N ILE B 122 10.78 -16.86 -9.73
CA ILE B 122 11.93 -16.10 -9.23
C ILE B 122 13.17 -16.94 -9.09
N TYR B 123 14.31 -16.38 -9.49
CA TYR B 123 15.61 -17.02 -9.41
C TYR B 123 16.41 -16.47 -8.20
N VAL B 124 16.93 -17.39 -7.40
CA VAL B 124 17.73 -17.07 -6.22
C VAL B 124 19.17 -17.43 -6.65
N PRO B 125 20.04 -16.44 -6.90
CA PRO B 125 21.40 -16.77 -7.34
C PRO B 125 22.25 -17.61 -6.38
N GLY B 126 21.92 -17.58 -5.09
CA GLY B 126 22.70 -18.36 -4.12
C GLY B 126 24.02 -17.71 -3.73
N THR B 127 24.08 -16.38 -3.82
CA THR B 127 25.30 -15.66 -3.51
C THR B 127 25.11 -14.78 -2.28
N ASP B 128 23.96 -14.89 -1.60
CA ASP B 128 23.68 -14.10 -0.39
C ASP B 128 23.70 -15.01 0.83
N GLY B 129 24.65 -15.94 0.85
CA GLY B 129 24.77 -16.86 1.98
C GLY B 129 23.59 -17.80 2.01
N ASN B 130 23.05 -18.11 0.83
CA ASN B 130 21.90 -18.97 0.72
C ASN B 130 22.06 -19.91 -0.46
N GLU B 131 21.05 -20.75 -0.68
CA GLU B 131 21.05 -21.77 -1.74
C GLU B 131 20.50 -21.25 -3.05
N GLU B 132 21.15 -21.63 -4.12
CA GLU B 132 20.71 -21.25 -5.45
C GLU B 132 19.48 -22.06 -5.83
N GLY B 133 18.54 -21.45 -6.54
CA GLY B 133 17.38 -22.20 -6.97
C GLY B 133 16.29 -21.32 -7.55
N TYR B 134 15.10 -21.89 -7.72
CA TYR B 134 13.94 -21.18 -8.25
C TYR B 134 12.76 -21.32 -7.30
N GLU B 135 11.88 -20.32 -7.36
CA GLU B 135 10.65 -20.27 -6.55
C GLU B 135 9.50 -19.99 -7.49
N LEU B 136 8.34 -20.56 -7.19
CA LEU B 136 7.13 -20.31 -7.96
C LEU B 136 6.09 -19.72 -6.98
N TRP B 137 5.71 -18.46 -7.21
CA TRP B 137 4.73 -17.76 -6.38
C TRP B 137 3.45 -17.50 -7.18
N THR B 138 2.31 -17.58 -6.51
CA THR B 138 1.05 -17.31 -7.18
C THR B 138 -0.02 -16.90 -6.17
N THR B 139 -1.03 -16.17 -6.65
CA THR B 139 -2.12 -15.75 -5.80
C THR B 139 -3.11 -16.88 -5.56
N ASP B 140 -3.13 -17.88 -6.44
CA ASP B 140 -4.07 -18.98 -6.22
C ASP B 140 -3.35 -20.30 -6.11
N TYR B 141 -3.12 -20.74 -4.88
CA TYR B 141 -2.40 -21.96 -4.61
C TYR B 141 -3.13 -23.23 -5.05
N ASP B 142 -4.44 -23.11 -5.31
CA ASP B 142 -5.23 -24.26 -5.74
C ASP B 142 -5.22 -24.39 -7.26
N ASN B 143 -4.93 -23.28 -7.95
CA ASN B 143 -4.86 -23.28 -9.40
C ASN B 143 -3.66 -22.51 -9.89
N ILE B 144 -2.52 -23.20 -9.89
CA ILE B 144 -1.29 -22.60 -10.34
C ILE B 144 -1.38 -22.26 -11.83
N PRO B 145 -1.16 -20.99 -12.20
CA PRO B 145 -1.26 -20.71 -13.64
C PRO B 145 -0.30 -21.59 -14.43
N ALA B 146 -0.77 -22.07 -15.58
CA ALA B 146 0.03 -22.93 -16.45
C ALA B 146 1.32 -22.32 -17.01
N ASN B 147 1.26 -21.08 -17.48
CA ASN B 147 2.47 -20.48 -18.05
C ASN B 147 3.60 -20.34 -17.04
N CYS B 148 3.30 -19.87 -15.83
CA CYS B 148 4.34 -19.77 -14.81
C CYS B 148 4.82 -21.16 -14.44
N LEU B 149 3.88 -22.09 -14.27
CA LEU B 149 4.28 -23.43 -13.94
C LEU B 149 5.20 -24.00 -15.03
N ASN B 150 4.87 -23.81 -16.30
CA ASN B 150 5.73 -24.33 -17.37
C ASN B 150 7.09 -23.69 -17.37
N LYS B 151 7.12 -22.38 -17.19
CA LYS B 151 8.39 -21.68 -17.14
C LYS B 151 9.24 -22.15 -15.92
N PHE B 152 8.62 -22.28 -14.77
CA PHE B 152 9.34 -22.76 -13.58
C PHE B 152 9.92 -24.17 -13.86
N ASN B 153 9.10 -25.07 -14.42
CA ASN B 153 9.57 -26.43 -14.71
C ASN B 153 10.71 -26.41 -15.72
N GLU B 154 10.61 -25.55 -16.73
CA GLU B 154 11.65 -25.44 -17.73
C GLU B 154 12.95 -25.01 -17.09
N TYR B 155 12.89 -23.92 -16.32
CA TYR B 155 14.08 -23.39 -15.66
C TYR B 155 14.62 -24.32 -14.54
N ALA B 156 13.73 -25.11 -13.95
CA ALA B 156 14.13 -26.04 -12.87
C ALA B 156 14.73 -27.37 -13.33
N VAL B 157 14.85 -27.61 -14.64
CA VAL B 157 15.40 -28.88 -15.10
C VAL B 157 16.82 -29.01 -14.59
N GLY B 158 17.15 -30.16 -13.98
CA GLY B 158 18.48 -30.38 -13.41
C GLY B 158 18.43 -30.15 -11.89
N ARG B 159 17.30 -29.68 -11.40
CA ARG B 159 17.08 -29.40 -9.97
C ARG B 159 15.88 -30.18 -9.47
N GLU B 160 15.77 -30.28 -8.15
CA GLU B 160 14.66 -31.01 -7.54
C GLU B 160 13.60 -30.07 -7.00
N THR B 161 12.39 -30.20 -7.51
CA THR B 161 11.25 -29.38 -7.12
C THR B 161 10.54 -29.99 -5.95
N ARG B 162 9.96 -29.14 -5.11
CA ARG B 162 9.19 -29.61 -3.98
C ARG B 162 8.07 -28.60 -3.77
N ASP B 163 7.00 -29.03 -3.11
CA ASP B 163 5.89 -28.14 -2.81
C ASP B 163 6.24 -27.39 -1.53
N VAL B 164 5.88 -26.12 -1.47
CA VAL B 164 6.16 -25.29 -0.32
C VAL B 164 4.83 -24.89 0.32
N PHE B 165 4.06 -24.03 -0.32
CA PHE B 165 2.78 -23.68 0.28
C PHE B 165 1.69 -24.51 -0.36
N THR B 166 0.93 -25.24 0.46
CA THR B 166 -0.16 -26.08 -0.06
C THR B 166 -1.44 -25.87 0.75
N SER B 167 -2.53 -26.52 0.33
CA SER B 167 -3.83 -26.47 1.03
C SER B 167 -3.67 -26.81 2.50
N ALA B 168 -2.79 -27.79 2.76
CA ALA B 168 -2.49 -28.26 4.11
C ALA B 168 -1.89 -27.14 5.00
N CYS B 169 -1.75 -25.94 4.44
CA CYS B 169 -1.16 -24.83 5.17
C CYS B 169 -2.08 -23.91 5.96
N LEU B 170 -3.06 -23.32 5.28
CA LEU B 170 -3.98 -22.36 5.91
C LEU B 170 -4.82 -22.87 7.08
N GLU B 171 -5.17 -24.08 7.10
N HSM C . -13.63 17.61 0.95
CA HSM C . -12.85 18.72 1.50
CB HSM C . -13.76 19.89 1.87
CG HSM C . -13.04 21.01 2.56
ND1 HSM C . -12.39 22.01 1.86
CD2 HSM C . -12.82 21.26 3.88
CE1 HSM C . -11.80 22.83 2.72
NE2 HSM C . -12.05 22.40 3.95
N HSM D . 14.98 -16.46 -1.78
CA HSM D . 14.33 -15.73 -0.70
CB HSM D . 15.32 -14.79 -0.01
CG HSM D . 14.77 -14.14 1.22
ND1 HSM D . 14.68 -14.80 2.43
CD2 HSM D . 14.15 -12.96 1.39
CE1 HSM D . 14.02 -14.06 3.28
NE2 HSM D . 13.68 -12.93 2.68
#